data_7F80
#
_entry.id   7F80
#
_cell.length_a   39.687
_cell.length_b   74.991
_cell.length_c   96.341
_cell.angle_alpha   90.00
_cell.angle_beta   97.89
_cell.angle_gamma   90.00
#
_symmetry.space_group_name_H-M   'P 1 21 1'
#
loop_
_entity.id
_entity.type
_entity.pdbx_description
1 polymer 'Peroxisome proliferator-activated receptor delta'
2 non-polymer '(3R)-3-methyl-6-[2-[[5-methyl-2-[4-(trifluoromethyl)phenyl]imidazol-1-yl]methyl]phenoxy]hexanoic acid'
#
_entity_poly.entity_id   1
_entity_poly.type   'polypeptide(L)'
_entity_poly.pdbx_seq_one_letter_code
;GSHMQVADLKAFSKHIYNAYLKNFNMTKKKARSILTGKASHTAPFVIHDIETLWQAEKGLVWKQLVNGLPPYKEISVHVF
YRCQCTTVETVRELTEFAKSIPSFSSLFLNDQVTLLKYGVHEAIFAMLASIVNKDGLLVANGSGFVTREFLRSLRKPFSD
IIEPKFEFAVKFNALELDDSDLALFIAAIILCGDRPGLMNVPRVEAIQDTILRALEFHLQANHPDAQYLFPKLLQKMADL
RQLVTEHAQMMQRIKKTETETSLHPLLQEIYKDMY
;
_entity_poly.pdbx_strand_id   A,B
#
loop_
_chem_comp.id
_chem_comp.type
_chem_comp.name
_chem_comp.formula
1KF non-polymer '(3R)-3-methyl-6-[2-[[5-methyl-2-[4-(trifluoromethyl)phenyl]imidazol-1-yl]methyl]phenoxy]hexanoic acid' 'C25 H27 F3 N2 O3'
#
# COMPACT_ATOMS: atom_id res chain seq x y z
N MET A 4 -0.84 -7.43 9.84
CA MET A 4 -1.34 -6.11 10.36
C MET A 4 -1.94 -6.23 11.77
N GLN A 5 -1.29 -5.57 12.74
CA GLN A 5 -1.72 -5.53 14.16
C GLN A 5 -2.95 -4.63 14.47
N VAL A 6 -3.58 -4.87 15.63
CA VAL A 6 -4.76 -4.13 16.09
C VAL A 6 -4.47 -2.63 16.04
N ALA A 7 -3.27 -2.24 16.46
CA ALA A 7 -2.91 -0.81 16.39
C ALA A 7 -2.91 -0.31 14.92
N ASP A 8 -2.19 -0.99 14.01
CA ASP A 8 -2.27 -0.68 12.57
C ASP A 8 -3.70 -0.44 12.10
N LEU A 9 -4.61 -1.35 12.50
CA LEU A 9 -6.01 -1.24 12.07
C LEU A 9 -6.69 -0.03 12.69
N LYS A 10 -6.31 0.30 13.92
CA LYS A 10 -6.87 1.48 14.53
C LYS A 10 -6.46 2.66 13.66
N ALA A 11 -5.16 2.83 13.44
CA ALA A 11 -4.69 3.94 12.60
C ALA A 11 -5.24 3.90 11.16
N PHE A 12 -5.46 2.70 10.64
CA PHE A 12 -6.17 2.49 9.35
C PHE A 12 -7.56 3.15 9.35
N SER A 13 -8.24 3.16 10.49
CA SER A 13 -9.57 3.75 10.51
C SER A 13 -9.56 5.28 10.57
N LYS A 14 -8.59 5.88 11.26
CA LYS A 14 -8.44 7.31 11.20
C LYS A 14 -8.11 7.70 9.77
N HIS A 15 -7.32 6.92 9.05
CA HIS A 15 -7.03 7.29 7.66
C HIS A 15 -8.28 7.29 6.77
N ILE A 16 -8.98 6.17 6.77
CA ILE A 16 -10.19 5.98 5.95
C ILE A 16 -11.30 6.96 6.27
N TYR A 17 -11.62 7.10 7.56
CA TYR A 17 -12.46 8.18 8.00
C TYR A 17 -12.00 9.57 7.45
N ASN A 18 -10.72 9.93 7.55
CA ASN A 18 -10.28 11.22 7.04
C ASN A 18 -10.63 11.42 5.57
N ALA A 19 -10.48 10.37 4.74
CA ALA A 19 -10.75 10.40 3.29
C ALA A 19 -12.22 10.69 3.04
N TYR A 20 -13.05 9.98 3.82
CA TYR A 20 -14.49 10.14 3.89
C TYR A 20 -14.88 11.57 4.27
N LEU A 21 -14.30 12.15 5.32
CA LEU A 21 -14.67 13.53 5.73
C LEU A 21 -14.21 14.62 4.74
N LYS A 22 -13.03 14.41 4.15
CA LYS A 22 -12.45 15.37 3.25
C LYS A 22 -13.27 15.44 1.96
N ASN A 23 -13.86 14.30 1.58
CA ASN A 23 -14.34 14.02 0.22
C ASN A 23 -15.84 14.05 -0.05
N PHE A 24 -16.70 13.67 0.91
CA PHE A 24 -18.16 13.66 0.71
C PHE A 24 -18.73 14.94 1.23
N ASN A 25 -19.66 15.53 0.53
CA ASN A 25 -20.18 16.79 1.00
C ASN A 25 -21.22 16.60 2.08
N MET A 26 -21.81 15.42 2.08
CA MET A 26 -22.87 15.08 2.99
C MET A 26 -22.48 13.82 3.74
N THR A 27 -22.13 14.04 5.00
CA THR A 27 -22.03 13.04 6.04
C THR A 27 -23.41 12.71 6.64
N LYS A 28 -23.45 11.71 7.54
CA LYS A 28 -24.65 11.35 8.31
C LYS A 28 -24.86 12.32 9.45
N LYS A 29 -23.76 12.86 10.00
CA LYS A 29 -23.82 13.92 11.00
C LYS A 29 -24.50 15.15 10.41
N LYS A 30 -23.99 15.70 9.32
CA LYS A 30 -24.72 16.81 8.73
C LYS A 30 -26.20 16.49 8.40
N ALA A 31 -26.50 15.32 7.85
CA ALA A 31 -27.91 15.00 7.58
C ALA A 31 -28.80 14.88 8.84
N ARG A 32 -28.39 14.07 9.83
CA ARG A 32 -29.25 13.84 11.01
C ARG A 32 -29.68 15.18 11.62
N SER A 33 -28.74 16.11 11.70
CA SER A 33 -29.00 17.38 12.37
C SER A 33 -29.98 18.25 11.56
N ILE A 34 -29.94 18.12 10.24
CA ILE A 34 -30.89 18.80 9.38
C ILE A 34 -32.27 18.16 9.47
N LEU A 35 -32.32 16.84 9.29
CA LEU A 35 -33.59 16.13 9.39
C LEU A 35 -34.32 16.44 10.70
N THR A 36 -33.64 16.26 11.84
CA THR A 36 -34.24 16.50 13.18
C THR A 36 -34.45 17.99 13.45
N GLY A 37 -34.12 18.83 12.47
CA GLY A 37 -34.18 20.28 12.61
C GLY A 37 -33.08 20.70 13.55
N PRO A 44 -35.59 22.92 5.76
CA PRO A 44 -35.52 22.80 4.31
C PRO A 44 -36.89 22.80 3.61
N PHE A 45 -36.86 23.12 2.32
CA PHE A 45 -38.08 23.16 1.50
C PHE A 45 -38.63 21.77 1.18
N VAL A 46 -39.85 21.48 1.63
CA VAL A 46 -40.54 20.23 1.26
C VAL A 46 -41.06 20.22 -0.20
N ILE A 47 -40.56 19.30 -1.01
CA ILE A 47 -41.09 19.12 -2.37
C ILE A 47 -42.02 17.92 -2.32
N HIS A 48 -43.33 18.17 -2.33
CA HIS A 48 -44.31 17.11 -2.10
C HIS A 48 -45.27 17.01 -3.27
N ASP A 49 -45.23 17.97 -4.17
CA ASP A 49 -46.10 17.87 -5.33
C ASP A 49 -45.56 18.74 -6.47
N ILE A 50 -46.29 18.77 -7.59
CA ILE A 50 -45.88 19.55 -8.76
C ILE A 50 -45.70 21.07 -8.42
N GLU A 51 -46.70 21.72 -7.80
CA GLU A 51 -46.50 23.11 -7.36
C GLU A 51 -45.17 23.29 -6.60
N THR A 52 -44.96 22.50 -5.53
CA THR A 52 -43.70 22.53 -4.77
C THR A 52 -42.42 22.24 -5.56
N LEU A 53 -42.42 21.21 -6.40
CA LEU A 53 -41.23 20.96 -7.24
C LEU A 53 -40.93 22.22 -8.02
N TRP A 54 -41.86 22.62 -8.87
CA TRP A 54 -41.67 23.78 -9.73
C TRP A 54 -41.15 24.97 -8.95
N GLN A 55 -41.77 25.25 -7.80
CA GLN A 55 -41.25 26.31 -6.94
C GLN A 55 -39.79 26.09 -6.58
N ALA A 56 -39.50 24.90 -6.03
CA ALA A 56 -38.14 24.56 -5.68
C ALA A 56 -37.17 24.70 -6.88
N GLU A 57 -37.64 24.49 -8.11
CA GLU A 57 -36.77 24.72 -9.29
C GLU A 57 -36.36 26.19 -9.41
N LYS A 58 -37.26 27.08 -8.95
CA LYS A 58 -37.06 28.54 -8.88
C LYS A 58 -36.45 29.00 -7.56
N GLY A 68 -27.92 22.03 -15.16
CA GLY A 68 -28.39 22.09 -16.53
C GLY A 68 -28.78 20.72 -17.04
N LEU A 69 -30.05 20.33 -16.83
CA LEU A 69 -30.55 18.99 -17.18
C LEU A 69 -31.09 18.95 -18.62
N PRO A 70 -31.50 17.75 -19.12
CA PRO A 70 -32.11 17.70 -20.46
C PRO A 70 -33.42 18.52 -20.57
N PRO A 71 -33.96 18.91 -21.76
CA PRO A 71 -35.18 19.73 -21.80
C PRO A 71 -36.32 19.02 -21.05
N TYR A 72 -36.99 19.74 -20.14
CA TYR A 72 -38.09 19.14 -19.34
C TYR A 72 -39.12 18.51 -20.27
N LYS A 73 -39.42 17.22 -20.07
CA LYS A 73 -40.48 16.56 -20.88
C LYS A 73 -41.68 16.35 -19.96
N GLU A 74 -41.52 15.47 -18.95
CA GLU A 74 -42.59 15.20 -17.98
C GLU A 74 -42.06 15.00 -16.56
N ILE A 75 -42.93 15.10 -15.56
CA ILE A 75 -42.50 15.07 -14.16
C ILE A 75 -41.69 13.81 -13.81
N SER A 76 -42.28 12.64 -13.97
CA SER A 76 -41.57 11.40 -13.67
C SER A 76 -40.17 11.38 -14.30
N VAL A 77 -40.07 11.94 -15.51
CA VAL A 77 -38.83 11.92 -16.30
C VAL A 77 -37.79 12.91 -15.80
N HIS A 78 -38.21 14.16 -15.56
CA HIS A 78 -37.36 15.20 -14.99
C HIS A 78 -36.85 14.85 -13.58
N VAL A 79 -37.65 14.12 -12.78
CA VAL A 79 -37.19 13.65 -11.47
C VAL A 79 -36.12 12.60 -11.66
N PHE A 80 -36.37 11.70 -12.60
CA PHE A 80 -35.39 10.78 -13.14
C PHE A 80 -34.04 11.47 -13.46
N TYR A 81 -34.11 12.61 -14.16
CA TYR A 81 -32.90 13.33 -14.53
C TYR A 81 -32.19 13.94 -13.34
N ARG A 82 -32.92 14.13 -12.26
CA ARG A 82 -32.27 14.74 -11.11
C ARG A 82 -31.59 13.67 -10.26
N CYS A 83 -32.17 12.47 -10.27
CA CYS A 83 -31.46 11.31 -9.75
C CYS A 83 -30.18 11.11 -10.53
N GLN A 84 -30.16 11.49 -11.80
CA GLN A 84 -28.92 11.41 -12.56
C GLN A 84 -27.98 12.53 -12.10
N CYS A 85 -28.37 13.77 -12.16
CA CYS A 85 -27.48 14.76 -11.67
C CYS A 85 -26.92 14.49 -10.25
N THR A 86 -27.66 13.83 -9.36
CA THR A 86 -27.13 13.50 -8.02
C THR A 86 -26.19 12.32 -7.98
N THR A 87 -26.58 11.26 -8.66
CA THR A 87 -25.72 10.09 -8.85
C THR A 87 -24.34 10.39 -9.46
N VAL A 88 -24.34 11.16 -10.55
CA VAL A 88 -23.11 11.63 -11.12
C VAL A 88 -22.27 12.31 -10.06
N GLU A 89 -22.88 13.17 -9.25
CA GLU A 89 -22.06 13.97 -8.32
C GLU A 89 -21.37 13.04 -7.33
N THR A 90 -22.07 11.96 -6.97
CA THR A 90 -21.61 11.08 -5.89
C THR A 90 -20.52 10.16 -6.36
N VAL A 91 -20.66 9.60 -7.57
CA VAL A 91 -19.54 8.92 -8.30
C VAL A 91 -18.19 9.68 -8.27
N ARG A 92 -18.19 10.96 -8.66
CA ARG A 92 -17.02 11.79 -8.50
C ARG A 92 -16.55 11.83 -7.06
N GLU A 93 -17.47 11.92 -6.11
CA GLU A 93 -17.05 11.95 -4.71
C GLU A 93 -16.35 10.67 -4.29
N LEU A 94 -16.91 9.56 -4.75
CA LEU A 94 -16.38 8.26 -4.34
C LEU A 94 -15.02 7.99 -5.04
N THR A 95 -14.82 8.56 -6.23
CA THR A 95 -13.60 8.32 -6.98
C THR A 95 -12.49 8.96 -6.22
N GLU A 96 -12.76 10.18 -5.78
CA GLU A 96 -11.85 10.89 -4.92
C GLU A 96 -11.70 10.06 -3.64
N PHE A 97 -12.82 9.64 -3.04
CA PHE A 97 -12.75 8.88 -1.78
C PHE A 97 -11.90 7.63 -1.96
N ALA A 98 -12.08 6.94 -3.09
CA ALA A 98 -11.34 5.72 -3.42
C ALA A 98 -9.85 6.00 -3.51
N LYS A 99 -9.52 7.11 -4.19
CA LYS A 99 -8.13 7.57 -4.36
C LYS A 99 -7.41 7.86 -3.06
N SER A 100 -8.15 8.23 -2.04
CA SER A 100 -7.54 8.48 -0.74
C SER A 100 -7.52 7.25 0.13
N ILE A 101 -7.95 6.11 -0.34
CA ILE A 101 -7.78 4.91 0.43
C ILE A 101 -6.37 4.40 0.28
N PRO A 102 -5.78 3.98 1.37
CA PRO A 102 -4.35 3.74 1.38
C PRO A 102 -3.79 3.01 0.19
N SER A 103 -4.32 1.87 -0.16
CA SER A 103 -3.56 1.08 -1.10
C SER A 103 -4.18 1.08 -2.47
N PHE A 104 -5.05 2.01 -2.72
CA PHE A 104 -5.87 2.04 -3.90
C PHE A 104 -5.18 2.76 -5.07
N SER A 105 -4.57 3.91 -4.80
CA SER A 105 -3.81 4.63 -5.81
C SER A 105 -2.74 3.73 -6.44
N SER A 106 -2.33 2.71 -5.69
CA SER A 106 -1.21 1.89 -6.07
C SER A 106 -1.72 0.58 -6.64
N LEU A 107 -2.89 0.61 -7.25
CA LEU A 107 -3.36 -0.59 -7.94
C LEU A 107 -3.32 -0.31 -9.44
N PHE A 108 -3.40 -1.35 -10.25
CA PHE A 108 -3.54 -1.18 -11.71
C PHE A 108 -4.71 -0.24 -11.95
N LEU A 109 -4.55 0.67 -12.90
CA LEU A 109 -5.60 1.64 -13.20
C LEU A 109 -6.82 0.92 -13.74
N ASN A 110 -6.59 -0.18 -14.44
CA ASN A 110 -7.69 -0.94 -14.96
C ASN A 110 -8.46 -1.54 -13.80
N ASP A 111 -7.73 -1.94 -12.74
CA ASP A 111 -8.39 -2.41 -11.54
C ASP A 111 -9.06 -1.24 -10.82
N GLN A 112 -8.45 -0.06 -10.84
CA GLN A 112 -9.08 1.09 -10.15
C GLN A 112 -10.43 1.46 -10.80
N VAL A 113 -10.50 1.39 -12.12
CA VAL A 113 -11.73 1.70 -12.87
C VAL A 113 -12.79 0.62 -12.69
N THR A 114 -12.33 -0.63 -12.72
CA THR A 114 -13.24 -1.77 -12.61
C THR A 114 -13.86 -1.74 -11.21
N LEU A 115 -13.04 -1.49 -10.19
CA LEU A 115 -13.60 -1.44 -8.85
C LEU A 115 -14.64 -0.34 -8.84
N LEU A 116 -14.28 0.88 -9.25
CA LEU A 116 -15.30 1.95 -9.19
C LEU A 116 -16.54 1.53 -10.01
N LYS A 117 -16.31 1.08 -11.23
CA LYS A 117 -17.42 0.83 -12.16
C LYS A 117 -18.44 -0.16 -11.60
N TYR A 118 -18.03 -1.07 -10.71
CA TYR A 118 -18.92 -2.16 -10.26
C TYR A 118 -19.42 -1.97 -8.85
N GLY A 119 -18.75 -1.16 -8.07
CA GLY A 119 -19.18 -0.98 -6.70
C GLY A 119 -19.66 0.40 -6.31
N VAL A 120 -19.58 1.40 -7.20
CA VAL A 120 -20.03 2.74 -6.85
C VAL A 120 -21.52 2.70 -6.49
N HIS A 121 -22.33 2.09 -7.35
CA HIS A 121 -23.76 1.96 -7.04
C HIS A 121 -24.10 1.24 -5.74
N GLU A 122 -23.37 0.20 -5.36
CA GLU A 122 -23.56 -0.31 -4.01
C GLU A 122 -23.27 0.81 -3.02
N ALA A 123 -22.16 1.53 -3.19
CA ALA A 123 -21.88 2.63 -2.28
C ALA A 123 -23.04 3.66 -2.23
N ILE A 124 -23.52 4.11 -3.38
CA ILE A 124 -24.48 5.20 -3.40
C ILE A 124 -25.70 4.84 -2.57
N PHE A 125 -26.15 3.61 -2.71
CA PHE A 125 -27.36 3.21 -2.02
C PHE A 125 -27.12 2.94 -0.56
N ALA A 126 -25.89 2.58 -0.18
CA ALA A 126 -25.56 2.45 1.24
C ALA A 126 -25.50 3.82 1.91
N MET A 127 -25.16 4.81 1.11
CA MET A 127 -25.02 6.14 1.64
C MET A 127 -26.33 6.88 1.60
N LEU A 128 -27.14 6.61 0.57
CA LEU A 128 -28.48 7.22 0.43
C LEU A 128 -29.26 7.03 1.74
N ALA A 129 -29.10 5.86 2.39
CA ALA A 129 -29.73 5.67 3.72
C ALA A 129 -29.46 6.87 4.62
N SER A 130 -28.33 7.55 4.46
CA SER A 130 -27.96 8.59 5.42
C SER A 130 -28.74 9.87 5.27
N ILE A 131 -29.14 10.20 4.05
CA ILE A 131 -29.91 11.40 3.80
C ILE A 131 -31.41 11.07 3.74
N VAL A 132 -31.71 9.80 3.93
CA VAL A 132 -33.09 9.31 4.00
C VAL A 132 -33.64 9.21 5.44
N ASN A 133 -34.97 9.40 5.54
CA ASN A 133 -35.80 8.84 6.62
C ASN A 133 -37.09 8.19 6.02
N LYS A 134 -38.08 7.86 6.86
CA LYS A 134 -39.28 7.18 6.34
C LYS A 134 -40.26 8.04 5.54
N ASP A 135 -40.14 9.36 5.65
CA ASP A 135 -41.05 10.26 4.93
C ASP A 135 -40.50 10.79 3.62
N GLY A 136 -39.22 10.55 3.33
CA GLY A 136 -38.59 11.12 2.12
C GLY A 136 -37.11 11.41 2.30
N LEU A 137 -36.52 12.22 1.42
CA LEU A 137 -35.08 12.45 1.51
C LEU A 137 -34.64 13.86 1.20
N LEU A 138 -33.48 14.22 1.77
CA LEU A 138 -32.83 15.51 1.52
C LEU A 138 -32.12 15.56 0.18
N VAL A 139 -32.36 16.65 -0.50
CA VAL A 139 -31.81 16.87 -1.78
C VAL A 139 -31.09 18.22 -1.75
N ALA A 140 -30.19 18.46 -2.70
CA ALA A 140 -29.65 19.81 -2.91
C ALA A 140 -28.88 20.27 -1.68
N ASN A 141 -27.88 19.47 -1.32
CA ASN A 141 -27.04 19.78 -0.17
C ASN A 141 -27.86 20.07 1.09
N GLY A 142 -29.02 19.44 1.20
CA GLY A 142 -29.84 19.57 2.40
C GLY A 142 -30.68 20.84 2.43
N SER A 143 -30.89 21.45 1.26
CA SER A 143 -31.73 22.64 1.18
C SER A 143 -33.16 22.28 0.78
N GLY A 144 -33.31 21.09 0.20
CA GLY A 144 -34.61 20.53 -0.15
C GLY A 144 -34.88 19.22 0.58
N PHE A 145 -36.13 18.77 0.51
CA PHE A 145 -36.55 17.49 1.05
C PHE A 145 -37.63 16.97 0.09
N VAL A 146 -37.41 15.79 -0.51
CA VAL A 146 -38.45 15.21 -1.37
C VAL A 146 -39.21 14.12 -0.60
N THR A 147 -40.51 14.25 -0.44
CA THR A 147 -41.24 13.29 0.42
C THR A 147 -41.34 11.96 -0.29
N ARG A 148 -41.18 10.87 0.46
CA ARG A 148 -41.28 9.50 -0.04
C ARG A 148 -42.54 9.32 -0.86
N GLU A 149 -43.62 9.95 -0.40
CA GLU A 149 -44.94 9.84 -1.04
C GLU A 149 -44.93 10.33 -2.44
N PHE A 150 -44.43 11.55 -2.62
CA PHE A 150 -44.46 12.17 -3.92
C PHE A 150 -43.65 11.37 -4.95
N LEU A 151 -42.55 10.77 -4.48
CA LEU A 151 -41.70 9.95 -5.35
C LEU A 151 -42.38 8.64 -5.70
N ARG A 152 -43.27 8.18 -4.81
CA ARG A 152 -44.08 6.98 -5.02
C ARG A 152 -45.11 7.19 -6.11
N SER A 153 -45.36 8.47 -6.43
CA SER A 153 -46.50 8.93 -7.22
C SER A 153 -46.14 9.22 -8.68
N LEU A 154 -44.85 9.19 -9.03
CA LEU A 154 -44.40 9.34 -10.42
C LEU A 154 -44.78 8.07 -11.09
N ARG A 155 -45.13 8.15 -12.36
CA ARG A 155 -45.60 6.94 -13.06
C ARG A 155 -44.54 5.84 -13.02
N LYS A 156 -44.98 4.60 -13.01
CA LYS A 156 -44.06 3.52 -13.29
C LYS A 156 -43.41 3.91 -14.63
N PRO A 157 -42.18 3.43 -14.92
CA PRO A 157 -41.30 2.55 -14.13
C PRO A 157 -40.38 3.36 -13.22
N PHE A 158 -40.60 4.66 -13.16
CA PHE A 158 -39.76 5.45 -12.29
C PHE A 158 -40.02 5.18 -10.80
N SER A 159 -41.29 5.19 -10.38
CA SER A 159 -41.59 4.94 -8.96
C SER A 159 -40.99 3.63 -8.49
N ASP A 160 -40.98 2.62 -9.36
CA ASP A 160 -40.62 1.26 -8.94
C ASP A 160 -39.13 1.03 -8.88
N ILE A 161 -38.39 2.02 -9.38
CA ILE A 161 -36.94 2.12 -9.23
C ILE A 161 -36.58 2.89 -7.94
N ILE A 162 -37.50 3.68 -7.42
CA ILE A 162 -37.19 4.48 -6.25
C ILE A 162 -37.58 3.81 -4.93
N GLU A 163 -38.74 3.18 -4.88
CA GLU A 163 -39.24 2.62 -3.62
C GLU A 163 -38.36 1.52 -3.00
N PRO A 164 -37.83 0.59 -3.81
CA PRO A 164 -36.99 -0.41 -3.12
C PRO A 164 -35.75 0.18 -2.37
N LYS A 165 -35.15 1.27 -2.89
CA LYS A 165 -34.00 1.86 -2.22
C LYS A 165 -34.34 2.41 -0.84
N PHE A 166 -35.54 2.98 -0.71
CA PHE A 166 -36.14 3.39 0.56
C PHE A 166 -36.40 2.24 1.49
N GLU A 167 -36.96 1.18 0.92
CA GLU A 167 -37.17 -0.02 1.69
C GLU A 167 -35.87 -0.39 2.33
N PHE A 168 -34.80 -0.42 1.54
CA PHE A 168 -33.48 -0.85 2.04
C PHE A 168 -32.98 0.07 3.13
N ALA A 169 -32.98 1.37 2.85
CA ALA A 169 -32.41 2.36 3.72
C ALA A 169 -33.01 2.33 5.14
N VAL A 170 -34.32 2.23 5.22
CA VAL A 170 -35.01 2.28 6.49
C VAL A 170 -34.57 1.10 7.36
N LYS A 171 -34.40 -0.08 6.77
CA LYS A 171 -33.85 -1.25 7.50
C LYS A 171 -32.36 -1.13 7.86
N PHE A 172 -31.69 -0.10 7.36
CA PHE A 172 -30.26 0.00 7.46
C PHE A 172 -29.87 1.07 8.47
N ASN A 173 -30.74 2.06 8.64
CA ASN A 173 -30.53 3.08 9.64
C ASN A 173 -30.93 2.58 11.02
N ALA A 174 -31.61 1.45 11.03
CA ALA A 174 -31.89 0.68 12.20
C ALA A 174 -30.62 0.12 12.80
N LEU A 175 -29.59 -0.12 11.98
CA LEU A 175 -28.31 -0.60 12.54
C LEU A 175 -27.59 0.55 13.20
N GLU A 176 -28.18 1.73 13.10
CA GLU A 176 -27.70 2.95 13.78
C GLU A 176 -26.20 3.25 13.67
N LEU A 177 -25.62 3.09 12.48
CA LEU A 177 -24.22 3.41 12.23
C LEU A 177 -23.89 4.92 12.16
N ASP A 178 -22.66 5.28 12.56
CA ASP A 178 -22.18 6.65 12.33
C ASP A 178 -21.24 6.80 11.11
N ASP A 179 -20.65 7.99 10.94
CA ASP A 179 -19.76 8.25 9.80
C ASP A 179 -18.50 7.39 9.83
N SER A 180 -17.80 7.39 10.96
CA SER A 180 -16.64 6.54 11.18
C SER A 180 -16.88 5.05 10.92
N ASP A 181 -18.13 4.60 10.92
CA ASP A 181 -18.46 3.21 10.64
C ASP A 181 -18.74 3.10 9.18
N LEU A 182 -19.38 4.13 8.62
CA LEU A 182 -19.72 4.12 7.20
C LEU A 182 -18.50 4.31 6.32
N ALA A 183 -17.47 4.97 6.83
CA ALA A 183 -16.23 5.15 6.09
C ALA A 183 -15.61 3.77 5.77
N LEU A 184 -15.74 2.86 6.73
CA LEU A 184 -15.15 1.53 6.55
C LEU A 184 -16.11 0.64 5.75
N PHE A 185 -17.41 0.79 6.02
CA PHE A 185 -18.41 -0.02 5.33
C PHE A 185 -18.30 0.20 3.84
N ILE A 186 -18.25 1.48 3.48
CA ILE A 186 -18.10 1.95 2.11
C ILE A 186 -16.79 1.52 1.50
N ALA A 187 -15.70 1.59 2.25
CA ALA A 187 -14.42 1.26 1.63
C ALA A 187 -14.46 -0.21 1.34
N ALA A 188 -15.01 -0.98 2.28
CA ALA A 188 -15.13 -2.42 2.09
C ALA A 188 -15.83 -2.73 0.78
N ILE A 189 -16.88 -1.97 0.43
CA ILE A 189 -17.64 -2.21 -0.80
C ILE A 189 -16.87 -1.92 -2.08
N ILE A 190 -16.15 -0.80 -2.14
CA ILE A 190 -15.27 -0.47 -3.32
C ILE A 190 -14.10 -1.45 -3.54
N LEU A 191 -13.40 -1.79 -2.46
CA LEU A 191 -12.32 -2.75 -2.53
C LEU A 191 -12.85 -4.19 -2.49
N CYS A 192 -13.75 -4.53 -3.41
CA CYS A 192 -14.36 -5.84 -3.44
C CYS A 192 -13.68 -6.63 -4.52
N GLY A 193 -13.12 -7.78 -4.15
CA GLY A 193 -12.31 -8.56 -5.07
C GLY A 193 -13.06 -9.71 -5.67
N ASP A 194 -14.29 -9.46 -6.08
CA ASP A 194 -15.08 -10.43 -6.84
C ASP A 194 -15.63 -9.77 -8.11
N ARG A 195 -15.26 -8.50 -8.35
CA ARG A 195 -15.70 -7.76 -9.54
C ARG A 195 -15.10 -8.45 -10.75
N PRO A 196 -15.87 -8.55 -11.83
CA PRO A 196 -15.33 -9.38 -12.89
C PRO A 196 -14.27 -8.67 -13.78
N GLY A 197 -13.17 -9.33 -14.05
CA GLY A 197 -12.21 -8.77 -15.00
C GLY A 197 -11.14 -8.01 -14.26
N LEU A 198 -11.07 -8.27 -12.97
CA LEU A 198 -10.01 -7.71 -12.18
C LEU A 198 -8.71 -8.26 -12.71
N MET A 199 -7.63 -7.48 -12.60
CA MET A 199 -6.33 -8.03 -12.92
C MET A 199 -5.76 -8.71 -11.70
N ASN A 200 -5.53 -7.96 -10.63
CA ASN A 200 -4.82 -8.52 -9.47
C ASN A 200 -5.76 -8.83 -8.31
N VAL A 201 -6.55 -9.88 -8.52
CA VAL A 201 -7.56 -10.28 -7.54
C VAL A 201 -6.99 -10.48 -6.12
N PRO A 202 -5.84 -11.17 -5.97
CA PRO A 202 -5.44 -11.45 -4.57
C PRO A 202 -5.07 -10.18 -3.77
N ARG A 203 -4.43 -9.21 -4.43
CA ARG A 203 -4.13 -7.93 -3.80
C ARG A 203 -5.39 -7.14 -3.35
N VAL A 204 -6.44 -7.16 -4.16
CA VAL A 204 -7.65 -6.48 -3.77
C VAL A 204 -8.20 -7.22 -2.58
N GLU A 205 -8.13 -8.53 -2.65
CA GLU A 205 -8.71 -9.35 -1.62
C GLU A 205 -7.93 -9.09 -0.34
N ALA A 206 -6.63 -8.85 -0.49
CA ALA A 206 -5.82 -8.49 0.67
C ALA A 206 -6.41 -7.23 1.33
N ILE A 207 -6.36 -6.12 0.58
CA ILE A 207 -6.84 -4.84 1.05
C ILE A 207 -8.24 -4.93 1.63
N GLN A 208 -9.18 -5.53 0.89
CA GLN A 208 -10.55 -5.71 1.37
C GLN A 208 -10.50 -6.34 2.76
N ASP A 209 -9.79 -7.45 2.87
CA ASP A 209 -9.83 -8.18 4.09
C ASP A 209 -9.28 -7.35 5.23
N THR A 210 -8.27 -6.52 4.95
CA THR A 210 -7.74 -5.63 5.96
C THR A 210 -8.79 -4.62 6.42
N ILE A 211 -9.70 -4.23 5.52
CA ILE A 211 -10.73 -3.26 5.84
C ILE A 211 -11.81 -3.93 6.68
N LEU A 212 -12.22 -5.14 6.32
CA LEU A 212 -13.23 -5.87 7.10
C LEU A 212 -12.70 -6.28 8.48
N ARG A 213 -11.38 -6.29 8.59
CA ARG A 213 -10.76 -6.54 9.88
C ARG A 213 -10.79 -5.23 10.70
N ALA A 214 -10.38 -4.12 10.08
CA ALA A 214 -10.39 -2.85 10.76
C ALA A 214 -11.84 -2.54 11.15
N LEU A 215 -12.77 -2.94 10.30
CA LEU A 215 -14.18 -2.73 10.53
C LEU A 215 -14.63 -3.51 11.75
N GLU A 216 -14.23 -4.77 11.83
CA GLU A 216 -14.55 -5.63 12.97
C GLU A 216 -14.11 -5.03 14.30
N PHE A 217 -13.01 -4.26 14.33
CA PHE A 217 -12.50 -3.79 15.62
C PHE A 217 -13.15 -2.47 16.02
N HIS A 218 -13.31 -1.62 15.02
CA HIS A 218 -14.07 -0.38 15.13
C HIS A 218 -15.47 -0.58 15.78
N LEU A 219 -16.22 -1.54 15.28
CA LEU A 219 -17.51 -1.91 15.83
C LEU A 219 -17.46 -2.43 17.26
N GLN A 220 -16.36 -3.07 17.63
CA GLN A 220 -16.19 -3.48 19.02
C GLN A 220 -16.03 -2.27 19.94
N ALA A 221 -15.32 -1.26 19.47
CA ALA A 221 -15.04 -0.05 20.24
C ALA A 221 -16.30 0.78 20.33
N ASN A 222 -16.79 1.18 19.15
CA ASN A 222 -17.83 2.19 18.92
C ASN A 222 -19.28 1.67 19.09
N HIS A 223 -19.47 0.36 19.10
CA HIS A 223 -20.79 -0.25 19.37
C HIS A 223 -20.65 -1.50 20.22
N PRO A 224 -20.18 -1.32 21.43
CA PRO A 224 -19.77 -2.45 22.26
C PRO A 224 -20.88 -3.34 22.81
N ASP A 225 -22.06 -2.80 23.00
CA ASP A 225 -23.14 -3.66 23.42
C ASP A 225 -23.85 -4.22 22.23
N ALA A 226 -23.75 -3.52 21.13
CA ALA A 226 -24.37 -3.96 19.91
C ALA A 226 -24.07 -5.39 19.69
N GLN A 227 -25.08 -6.16 19.45
CA GLN A 227 -24.83 -7.55 19.25
C GLN A 227 -24.86 -7.87 17.80
N TYR A 228 -23.97 -8.74 17.43
CA TYR A 228 -24.03 -9.34 16.11
C TYR A 228 -23.84 -8.36 14.95
N LEU A 229 -23.50 -7.10 15.24
CA LEU A 229 -23.30 -6.04 14.22
C LEU A 229 -22.47 -6.43 12.97
N PHE A 230 -21.33 -7.09 13.16
CA PHE A 230 -20.47 -7.36 12.04
C PHE A 230 -21.12 -8.28 11.02
N PRO A 231 -21.55 -9.49 11.45
CA PRO A 231 -22.28 -10.38 10.50
C PRO A 231 -23.54 -9.72 9.91
N LYS A 232 -24.22 -8.90 10.71
CA LYS A 232 -25.33 -8.09 10.21
C LYS A 232 -24.92 -7.23 9.03
N LEU A 233 -23.75 -6.61 9.14
CA LEU A 233 -23.21 -5.75 8.07
C LEU A 233 -22.83 -6.48 6.79
N LEU A 234 -22.28 -7.69 6.93
CA LEU A 234 -21.89 -8.51 5.79
C LEU A 234 -23.09 -8.91 4.95
N GLN A 235 -24.17 -9.31 5.62
CA GLN A 235 -25.41 -9.55 4.91
C GLN A 235 -25.86 -8.29 4.12
N LYS A 236 -26.02 -7.16 4.80
CA LYS A 236 -26.37 -5.92 4.06
C LYS A 236 -25.42 -5.68 2.87
N MET A 237 -24.14 -6.02 3.00
CA MET A 237 -23.28 -5.98 1.79
C MET A 237 -23.86 -6.85 0.66
N ALA A 238 -24.12 -8.12 0.93
CA ALA A 238 -24.86 -8.99 0.02
C ALA A 238 -26.22 -8.37 -0.41
N ASP A 239 -27.06 -7.94 0.55
CA ASP A 239 -28.34 -7.31 0.19
C ASP A 239 -28.17 -6.21 -0.85
N LEU A 240 -27.04 -5.50 -0.78
CA LEU A 240 -26.74 -4.41 -1.70
C LEU A 240 -26.44 -4.89 -3.11
N ARG A 241 -25.76 -6.03 -3.22
CA ARG A 241 -25.42 -6.60 -4.50
C ARG A 241 -26.66 -6.89 -5.30
N GLN A 242 -27.68 -7.34 -4.61
CA GLN A 242 -28.87 -7.72 -5.33
C GLN A 242 -29.75 -6.52 -5.54
N LEU A 243 -29.64 -5.57 -4.62
CA LEU A 243 -30.35 -4.33 -4.80
C LEU A 243 -29.87 -3.70 -6.11
N VAL A 244 -28.55 -3.71 -6.31
CA VAL A 244 -27.97 -3.11 -7.49
C VAL A 244 -28.33 -3.97 -8.71
N THR A 245 -28.27 -5.30 -8.54
CA THR A 245 -28.69 -6.20 -9.62
C THR A 245 -30.13 -5.90 -10.06
N GLU A 246 -31.05 -5.87 -9.11
CA GLU A 246 -32.44 -5.52 -9.37
C GLU A 246 -32.56 -4.09 -9.97
N HIS A 247 -31.74 -3.15 -9.50
CA HIS A 247 -31.72 -1.78 -10.06
C HIS A 247 -31.21 -1.73 -11.51
N ALA A 248 -30.08 -2.41 -11.75
CA ALA A 248 -29.47 -2.40 -13.09
C ALA A 248 -30.45 -2.98 -14.09
N GLN A 249 -31.20 -3.99 -13.65
CA GLN A 249 -32.19 -4.60 -14.51
C GLN A 249 -33.16 -3.50 -14.97
N MET A 250 -33.74 -2.79 -14.00
CA MET A 250 -34.71 -1.75 -14.26
C MET A 250 -34.12 -0.66 -15.08
N MET A 251 -32.83 -0.36 -14.89
CA MET A 251 -32.20 0.66 -15.73
C MET A 251 -32.25 0.28 -17.20
N GLN A 252 -31.97 -1.01 -17.47
CA GLN A 252 -32.10 -1.58 -18.79
C GLN A 252 -33.52 -1.58 -19.31
N ARG A 253 -34.50 -1.68 -18.43
CA ARG A 253 -35.85 -1.67 -18.90
C ARG A 253 -36.25 -0.25 -19.36
N ILE A 254 -35.76 0.77 -18.65
CA ILE A 254 -35.85 2.18 -19.08
C ILE A 254 -35.08 2.45 -20.42
N LYS A 255 -33.83 1.99 -20.51
CA LYS A 255 -33.07 2.15 -21.76
C LYS A 255 -33.91 1.74 -22.96
N LYS A 256 -34.79 0.75 -22.78
CA LYS A 256 -35.62 0.23 -23.86
C LYS A 256 -37.04 0.82 -23.94
N THR A 257 -37.81 0.75 -22.85
CA THR A 257 -39.21 1.22 -22.88
C THR A 257 -39.40 2.76 -23.00
N GLU A 258 -38.34 3.54 -22.67
CA GLU A 258 -38.43 4.99 -22.60
C GLU A 258 -37.47 5.66 -23.59
N THR A 259 -37.61 5.33 -24.89
CA THR A 259 -36.67 5.85 -25.92
C THR A 259 -36.38 7.35 -25.73
N GLU A 260 -37.40 8.17 -25.45
CA GLU A 260 -37.25 9.62 -25.29
C GLU A 260 -36.32 10.08 -24.15
N THR A 261 -36.14 9.24 -23.13
CA THR A 261 -35.40 9.56 -21.88
C THR A 261 -33.90 9.20 -21.94
N SER A 262 -33.03 10.13 -21.56
CA SER A 262 -31.60 9.97 -21.75
C SER A 262 -30.82 9.64 -20.51
N LEU A 263 -29.53 9.43 -20.66
CA LEU A 263 -28.70 8.95 -19.59
C LEU A 263 -27.29 9.44 -19.71
N HIS A 264 -26.85 10.28 -18.80
CA HIS A 264 -25.48 10.76 -18.76
C HIS A 264 -24.33 9.85 -19.05
N PRO A 265 -23.45 10.25 -19.95
CA PRO A 265 -22.48 9.37 -20.58
C PRO A 265 -21.58 8.71 -19.60
N LEU A 266 -21.54 9.27 -18.41
CA LEU A 266 -20.79 8.69 -17.32
C LEU A 266 -21.51 7.46 -16.77
N LEU A 267 -22.83 7.43 -16.90
CA LEU A 267 -23.64 6.29 -16.53
C LEU A 267 -23.88 5.32 -17.67
N GLN A 268 -23.74 5.79 -18.90
CA GLN A 268 -23.64 4.99 -20.12
C GLN A 268 -22.42 4.05 -20.02
N GLU A 269 -21.26 4.57 -19.65
CA GLU A 269 -20.09 3.68 -19.56
C GLU A 269 -20.13 2.80 -18.30
N ILE A 270 -20.93 3.16 -17.29
CA ILE A 270 -21.11 2.22 -16.12
C ILE A 270 -21.96 0.98 -16.50
N TYR A 271 -23.17 1.23 -16.99
CA TYR A 271 -24.06 0.12 -17.42
C TYR A 271 -23.63 -0.38 -18.80
N LYS A 272 -22.42 -0.01 -19.24
CA LYS A 272 -21.89 -0.50 -20.55
C LYS A 272 -21.88 -2.03 -20.53
N ASP A 273 -21.26 -2.63 -19.51
CA ASP A 273 -21.21 -4.10 -19.38
C ASP A 273 -21.68 -4.49 -17.98
N ASP B 8 16.69 21.84 6.30
CA ASP B 8 15.51 21.05 5.80
C ASP B 8 15.87 19.82 4.97
N LEU B 9 16.99 19.91 4.24
CA LEU B 9 17.54 18.79 3.46
C LEU B 9 18.97 18.55 3.86
N LYS B 10 19.66 19.64 4.17
CA LYS B 10 21.01 19.52 4.63
C LYS B 10 21.04 19.00 6.07
N ALA B 11 20.13 19.50 6.93
CA ALA B 11 19.92 18.89 8.27
C ALA B 11 19.52 17.42 8.10
N PHE B 12 18.55 17.12 7.23
CA PHE B 12 18.09 15.74 6.97
C PHE B 12 19.27 14.80 6.77
N SER B 13 20.25 15.27 5.99
CA SER B 13 21.43 14.47 5.68
C SER B 13 22.32 14.18 6.91
N LYS B 14 22.66 15.22 7.67
CA LYS B 14 23.48 15.06 8.87
C LYS B 14 22.80 14.09 9.84
N HIS B 15 21.49 14.25 10.04
CA HIS B 15 20.81 13.33 10.92
C HIS B 15 21.07 11.91 10.47
N ILE B 16 20.57 11.58 9.29
CA ILE B 16 20.71 10.23 8.73
C ILE B 16 22.13 9.68 8.74
N TYR B 17 23.11 10.57 8.62
CA TYR B 17 24.53 10.20 8.69
C TYR B 17 24.91 9.83 10.11
N ASN B 18 24.40 10.56 11.09
CA ASN B 18 24.57 10.17 12.47
C ASN B 18 23.97 8.80 12.76
N ALA B 19 22.78 8.49 12.20
CA ALA B 19 22.15 7.14 12.37
C ALA B 19 23.02 6.02 11.85
N TYR B 20 23.74 6.33 10.78
CA TYR B 20 24.69 5.44 10.15
C TYR B 20 25.83 5.10 11.10
N LEU B 21 26.63 6.11 11.46
CA LEU B 21 27.77 5.90 12.36
C LEU B 21 27.38 5.31 13.68
N LYS B 22 26.17 5.62 14.14
CA LYS B 22 25.68 5.07 15.42
C LYS B 22 25.46 3.57 15.24
N ASN B 23 24.77 3.23 14.14
CA ASN B 23 24.34 1.85 13.86
C ASN B 23 25.26 0.88 13.11
N PHE B 24 26.19 1.39 12.29
CA PHE B 24 27.15 0.52 11.57
C PHE B 24 28.58 0.67 12.10
N ASN B 25 29.06 -0.43 12.71
CA ASN B 25 30.41 -0.53 13.26
C ASN B 25 31.52 -0.33 12.20
N MET B 26 31.33 -0.98 11.05
CA MET B 26 32.25 -0.88 9.94
C MET B 26 31.66 0.04 8.92
N THR B 27 32.23 1.22 8.83
CA THR B 27 31.84 2.18 7.82
C THR B 27 32.82 2.02 6.68
N LYS B 28 32.49 2.54 5.49
CA LYS B 28 33.47 2.61 4.41
C LYS B 28 34.75 3.28 4.89
N LYS B 29 34.66 4.34 5.69
CA LYS B 29 35.91 5.03 6.11
C LYS B 29 36.89 4.10 6.86
N LYS B 30 36.42 3.44 7.94
CA LYS B 30 37.24 2.43 8.64
C LYS B 30 37.83 1.43 7.63
N ALA B 31 36.95 0.74 6.89
CA ALA B 31 37.33 -0.26 5.88
C ALA B 31 38.42 0.13 4.86
N ARG B 32 38.41 1.37 4.35
CA ARG B 32 39.42 1.79 3.34
C ARG B 32 40.81 1.97 3.97
N SER B 33 40.87 2.66 5.10
CA SER B 33 42.12 2.94 5.79
C SER B 33 42.77 1.69 6.44
N ILE B 34 42.20 0.50 6.18
CA ILE B 34 42.86 -0.79 6.51
C ILE B 34 43.28 -1.41 5.18
N LEU B 35 42.31 -1.52 4.30
CA LEU B 35 42.55 -2.08 3.00
C LEU B 35 43.78 -1.43 2.38
N THR B 36 44.10 -0.20 2.78
CA THR B 36 45.24 0.54 2.23
C THR B 36 46.38 0.67 3.24
N PRO B 44 45.71 -7.02 8.21
CA PRO B 44 44.73 -8.12 8.27
C PRO B 44 45.25 -9.45 7.71
N PHE B 45 44.87 -10.53 8.39
CA PHE B 45 45.26 -11.87 7.98
C PHE B 45 44.53 -12.39 6.73
N VAL B 46 45.29 -12.61 5.66
CA VAL B 46 44.72 -13.06 4.40
C VAL B 46 44.29 -14.52 4.46
N ILE B 47 43.02 -14.77 4.15
CA ILE B 47 42.57 -16.14 3.99
C ILE B 47 42.60 -16.40 2.50
N HIS B 48 43.33 -17.43 2.08
CA HIS B 48 43.37 -17.72 0.64
C HIS B 48 43.22 -19.19 0.32
N ASP B 49 43.18 -20.02 1.36
CA ASP B 49 43.13 -21.47 1.19
C ASP B 49 42.58 -22.17 2.45
N ILE B 50 42.62 -23.51 2.47
CA ILE B 50 42.07 -24.28 3.58
C ILE B 50 42.89 -24.05 4.85
N GLU B 51 44.21 -23.98 4.71
CA GLU B 51 45.08 -23.80 5.88
C GLU B 51 44.70 -22.48 6.57
N THR B 52 44.88 -21.35 5.84
CA THR B 52 44.68 -19.99 6.38
C THR B 52 43.31 -19.88 6.98
N LEU B 53 42.31 -20.47 6.29
CA LEU B 53 40.93 -20.51 6.85
C LEU B 53 40.95 -21.29 8.18
N TRP B 54 41.50 -22.51 8.23
CA TRP B 54 41.48 -23.28 9.49
C TRP B 54 42.30 -22.55 10.54
N GLN B 55 43.37 -21.90 10.08
CA GLN B 55 44.19 -21.04 10.96
C GLN B 55 43.33 -19.86 11.39
N ALA B 56 42.82 -19.04 10.45
CA ALA B 56 41.85 -17.98 10.75
C ALA B 56 40.89 -18.48 11.79
N GLU B 57 40.32 -19.65 11.55
CA GLU B 57 39.29 -20.23 12.40
C GLU B 57 39.73 -20.63 13.82
N LYS B 58 40.99 -20.37 14.14
CA LYS B 58 41.62 -20.84 15.38
C LYS B 58 42.56 -19.73 15.87
N GLY B 59 42.82 -18.75 15.01
CA GLY B 59 43.76 -17.63 15.23
C GLY B 59 43.23 -16.26 14.82
N LEU B 60 41.91 -16.22 14.61
CA LEU B 60 41.02 -15.03 14.59
C LEU B 60 39.71 -15.43 15.39
N VAL B 61 39.22 -14.56 16.29
CA VAL B 61 37.91 -14.81 16.95
C VAL B 61 36.93 -13.69 16.54
N TRP B 62 35.74 -14.10 16.06
CA TRP B 62 34.89 -13.23 15.23
C TRP B 62 33.62 -12.79 15.96
N GLY B 68 28.76 -20.28 17.94
CA GLY B 68 27.40 -20.82 17.81
C GLY B 68 27.04 -21.21 16.38
N LEU B 69 27.88 -22.07 15.79
CA LEU B 69 27.76 -22.50 14.39
C LEU B 69 27.36 -23.99 14.27
N PRO B 70 26.86 -24.41 13.08
CA PRO B 70 26.50 -25.83 12.92
C PRO B 70 27.76 -26.66 12.92
N PRO B 71 27.70 -27.90 13.47
CA PRO B 71 28.82 -28.83 13.33
C PRO B 71 29.38 -28.84 11.91
N TYR B 72 30.70 -28.72 11.80
CA TYR B 72 31.37 -28.65 10.51
C TYR B 72 30.87 -29.80 9.64
N LYS B 73 30.43 -29.49 8.43
CA LYS B 73 30.15 -30.53 7.45
C LYS B 73 31.21 -30.47 6.37
N GLU B 74 31.40 -29.31 5.75
CA GLU B 74 32.49 -29.15 4.82
C GLU B 74 32.87 -27.66 4.70
N ILE B 75 33.95 -27.38 3.95
CA ILE B 75 34.53 -26.00 3.85
C ILE B 75 33.55 -24.95 3.29
N SER B 76 32.97 -25.13 2.11
CA SER B 76 32.03 -24.18 1.51
C SER B 76 30.75 -23.97 2.32
N VAL B 77 30.28 -25.02 2.99
CA VAL B 77 29.07 -24.95 3.79
C VAL B 77 29.42 -24.05 4.98
N HIS B 78 30.56 -24.35 5.61
CA HIS B 78 31.12 -23.51 6.67
C HIS B 78 31.27 -22.02 6.23
N VAL B 79 31.86 -21.77 5.06
CA VAL B 79 31.94 -20.40 4.49
C VAL B 79 30.53 -19.78 4.36
N PHE B 80 29.58 -20.61 3.92
CA PHE B 80 28.19 -20.25 3.68
C PHE B 80 27.48 -19.86 4.98
N TYR B 81 27.67 -20.68 6.01
CA TYR B 81 27.24 -20.31 7.37
C TYR B 81 27.99 -19.11 7.94
N ARG B 82 29.13 -18.78 7.35
CA ARG B 82 29.78 -17.59 7.83
C ARG B 82 29.10 -16.41 7.19
N CYS B 83 28.94 -16.45 5.87
CA CYS B 83 28.12 -15.45 5.20
C CYS B 83 26.83 -15.16 6.00
N GLN B 84 26.08 -16.23 6.31
CA GLN B 84 24.87 -16.17 7.14
C GLN B 84 25.12 -15.43 8.47
N CYS B 85 26.04 -15.96 9.27
CA CYS B 85 26.42 -15.36 10.53
C CYS B 85 26.43 -13.85 10.34
N THR B 86 27.11 -13.37 9.30
CA THR B 86 27.26 -11.92 8.98
C THR B 86 26.04 -11.15 8.40
N THR B 87 25.37 -11.72 7.40
CA THR B 87 24.18 -11.06 6.83
C THR B 87 23.16 -10.87 7.94
N VAL B 88 22.92 -11.90 8.75
CA VAL B 88 22.01 -11.77 9.94
C VAL B 88 22.44 -10.60 10.84
N GLU B 89 23.74 -10.44 11.09
CA GLU B 89 24.13 -9.40 12.04
C GLU B 89 23.85 -8.01 11.44
N THR B 90 24.00 -7.90 10.12
CA THR B 90 23.81 -6.62 9.44
C THR B 90 22.35 -6.32 9.32
N VAL B 91 21.54 -7.38 9.28
CA VAL B 91 20.08 -7.20 9.23
C VAL B 91 19.56 -6.57 10.53
N ARG B 92 20.14 -6.93 11.67
CA ARG B 92 19.83 -6.24 12.93
C ARG B 92 20.30 -4.77 12.98
N GLU B 93 21.45 -4.47 12.37
CA GLU B 93 21.96 -3.08 12.29
C GLU B 93 21.03 -2.20 11.43
N LEU B 94 20.70 -2.69 10.23
CA LEU B 94 19.76 -1.99 9.32
C LEU B 94 18.40 -1.74 10.00
N THR B 95 18.03 -2.65 10.90
CA THR B 95 16.77 -2.55 11.63
C THR B 95 16.79 -1.36 12.60
N GLU B 96 17.76 -1.33 13.51
CA GLU B 96 17.95 -0.17 14.37
C GLU B 96 18.12 1.13 13.60
N PHE B 97 18.82 1.05 12.47
CA PHE B 97 19.15 2.23 11.67
C PHE B 97 17.89 2.85 11.11
N ALA B 98 16.96 2.04 10.64
CA ALA B 98 15.71 2.49 10.07
C ALA B 98 14.84 3.13 11.06
N LYS B 99 14.92 2.67 12.32
CA LYS B 99 14.13 3.31 13.40
C LYS B 99 14.54 4.79 13.54
N SER B 100 15.56 5.23 12.79
CA SER B 100 16.01 6.59 12.88
C SER B 100 15.91 7.36 11.58
N ILE B 101 15.46 6.73 10.50
CA ILE B 101 15.10 7.47 9.31
C ILE B 101 13.79 8.23 9.57
N PRO B 102 13.72 9.60 9.58
CA PRO B 102 12.47 10.30 9.96
C PRO B 102 11.13 9.76 9.44
N SER B 103 10.16 9.50 10.34
CA SER B 103 8.78 9.05 9.97
C SER B 103 8.67 7.58 9.53
N PHE B 104 9.77 6.82 9.50
CA PHE B 104 9.66 5.37 9.19
C PHE B 104 8.90 4.73 10.36
N SER B 105 9.17 5.22 11.58
CA SER B 105 8.51 4.70 12.79
C SER B 105 7.01 4.93 12.80
N SER B 106 6.57 6.02 12.19
CA SER B 106 5.16 6.34 12.13
C SER B 106 4.52 5.83 10.85
N LEU B 107 5.06 4.75 10.28
CA LEU B 107 4.34 3.99 9.23
C LEU B 107 3.63 2.89 9.98
N PHE B 108 2.76 2.15 9.29
CA PHE B 108 2.17 0.90 9.84
C PHE B 108 3.25 -0.08 10.20
N LEU B 109 3.14 -0.73 11.35
CA LEU B 109 4.24 -1.61 11.74
C LEU B 109 4.40 -2.79 10.78
N ASN B 110 3.34 -3.10 10.06
CA ASN B 110 3.30 -4.18 9.13
C ASN B 110 3.97 -3.74 7.83
N ASP B 111 3.90 -2.44 7.54
CA ASP B 111 4.68 -1.85 6.43
C ASP B 111 6.19 -1.81 6.79
N GLN B 112 6.51 -1.46 8.06
CA GLN B 112 7.89 -1.42 8.55
C GLN B 112 8.57 -2.76 8.30
N VAL B 113 7.92 -3.84 8.74
CA VAL B 113 8.33 -5.20 8.47
C VAL B 113 8.46 -5.47 6.97
N THR B 114 7.42 -5.21 6.20
CA THR B 114 7.46 -5.51 4.75
C THR B 114 8.65 -4.83 4.03
N LEU B 115 9.03 -3.63 4.49
CA LEU B 115 10.15 -2.86 3.90
C LEU B 115 11.50 -3.46 4.25
N LEU B 116 11.74 -3.71 5.53
CA LEU B 116 13.00 -4.38 5.95
C LEU B 116 13.12 -5.71 5.21
N LYS B 117 12.12 -6.59 5.33
CA LYS B 117 12.18 -7.93 4.69
C LYS B 117 12.60 -7.81 3.22
N TYR B 118 11.91 -6.98 2.42
CA TYR B 118 12.19 -6.94 1.00
C TYR B 118 13.34 -6.01 0.64
N GLY B 119 13.90 -5.30 1.62
CA GLY B 119 14.93 -4.30 1.32
C GLY B 119 16.28 -4.55 1.97
N VAL B 120 16.31 -5.15 3.17
CA VAL B 120 17.61 -5.47 3.79
C VAL B 120 18.70 -6.02 2.89
N HIS B 121 18.39 -6.92 1.95
CA HIS B 121 19.50 -7.49 1.16
C HIS B 121 20.06 -6.52 0.13
N GLU B 122 19.19 -5.73 -0.49
CA GLU B 122 19.64 -4.70 -1.41
C GLU B 122 20.57 -3.76 -0.64
N ALA B 123 20.17 -3.44 0.59
CA ALA B 123 20.98 -2.64 1.47
C ALA B 123 22.31 -3.31 1.75
N ILE B 124 22.29 -4.61 2.11
CA ILE B 124 23.52 -5.34 2.54
C ILE B 124 24.57 -5.48 1.45
N PHE B 125 24.14 -5.45 0.19
CA PHE B 125 25.05 -5.58 -0.95
C PHE B 125 25.52 -4.23 -1.48
N ALA B 126 24.71 -3.16 -1.34
CA ALA B 126 25.21 -1.79 -1.52
C ALA B 126 26.37 -1.56 -0.53
N MET B 127 26.18 -2.05 0.70
CA MET B 127 27.17 -1.86 1.75
C MET B 127 28.34 -2.83 1.63
N LEU B 128 28.14 -3.91 0.89
CA LEU B 128 29.20 -4.90 0.67
C LEU B 128 30.41 -4.23 0.01
N ALA B 129 30.10 -3.41 -0.99
CA ALA B 129 31.08 -2.70 -1.82
C ALA B 129 32.06 -1.90 -0.98
N SER B 130 31.67 -1.56 0.25
CA SER B 130 32.49 -0.74 1.16
C SER B 130 33.69 -1.48 1.75
N ILE B 131 33.51 -2.77 2.06
CA ILE B 131 34.55 -3.59 2.67
C ILE B 131 35.24 -4.47 1.63
N VAL B 132 34.93 -4.21 0.37
CA VAL B 132 35.42 -5.04 -0.72
C VAL B 132 36.46 -4.32 -1.61
N ASN B 133 37.41 -5.08 -2.15
CA ASN B 133 38.09 -4.68 -3.39
C ASN B 133 38.11 -5.81 -4.44
N LYS B 134 38.83 -5.59 -5.54
CA LYS B 134 39.00 -6.62 -6.55
C LYS B 134 39.59 -7.95 -6.01
N ASP B 135 40.39 -7.92 -4.95
CA ASP B 135 41.07 -9.14 -4.49
C ASP B 135 40.30 -9.94 -3.40
N GLY B 136 39.28 -9.33 -2.81
CA GLY B 136 38.48 -10.01 -1.78
C GLY B 136 37.77 -9.05 -0.85
N LEU B 137 37.27 -9.57 0.28
CA LEU B 137 36.59 -8.73 1.28
C LEU B 137 37.23 -8.76 2.65
N LEU B 138 37.02 -7.70 3.42
CA LEU B 138 37.41 -7.73 4.83
C LEU B 138 36.43 -8.60 5.57
N VAL B 139 36.94 -9.35 6.52
CA VAL B 139 36.09 -10.15 7.40
C VAL B 139 36.48 -9.95 8.86
N ALA B 140 35.69 -10.55 9.76
CA ALA B 140 36.07 -10.62 11.16
C ALA B 140 36.27 -9.20 11.66
N ASN B 141 35.26 -8.36 11.43
CA ASN B 141 35.29 -6.92 11.73
C ASN B 141 36.65 -6.21 11.51
N GLY B 142 37.28 -6.47 10.37
CA GLY B 142 38.55 -5.83 10.05
C GLY B 142 39.79 -6.68 10.25
N SER B 143 39.70 -7.78 11.02
CA SER B 143 40.87 -8.65 11.28
C SER B 143 41.41 -9.47 10.09
N GLY B 144 40.49 -10.06 9.34
CA GLY B 144 40.80 -10.96 8.25
C GLY B 144 40.54 -10.33 6.91
N PHE B 145 41.10 -10.94 5.86
CA PHE B 145 40.82 -10.54 4.49
C PHE B 145 40.62 -11.84 3.74
N VAL B 146 39.50 -12.00 3.06
CA VAL B 146 39.26 -13.20 2.30
C VAL B 146 39.33 -12.87 0.81
N THR B 147 40.22 -13.56 0.10
CA THR B 147 40.45 -13.29 -1.31
C THR B 147 39.30 -13.81 -2.13
N ARG B 148 39.08 -13.17 -3.27
CA ARG B 148 37.96 -13.44 -4.15
C ARG B 148 38.24 -14.73 -4.88
N GLU B 149 39.54 -15.03 -5.01
CA GLU B 149 39.99 -16.30 -5.57
C GLU B 149 39.57 -17.51 -4.73
N PHE B 150 39.91 -17.51 -3.44
CA PHE B 150 39.46 -18.57 -2.56
C PHE B 150 37.94 -18.78 -2.58
N LEU B 151 37.19 -17.68 -2.68
CA LEU B 151 35.74 -17.78 -2.66
C LEU B 151 35.24 -18.26 -4.02
N ARG B 152 35.98 -17.96 -5.09
CA ARG B 152 35.70 -18.51 -6.43
C ARG B 152 35.97 -19.99 -6.37
N SER B 153 37.05 -20.32 -5.65
CA SER B 153 37.57 -21.68 -5.55
C SER B 153 36.50 -22.73 -5.13
N LEU B 154 35.63 -22.35 -4.18
CA LEU B 154 34.61 -23.25 -3.60
C LEU B 154 33.71 -23.93 -4.65
N ARG B 155 33.04 -25.00 -4.24
CA ARG B 155 32.22 -25.77 -5.17
C ARG B 155 30.89 -25.09 -5.41
N LYS B 156 30.24 -25.37 -6.55
CA LYS B 156 28.86 -24.92 -6.83
C LYS B 156 27.84 -25.59 -5.85
N PRO B 157 26.71 -24.90 -5.53
CA PRO B 157 26.19 -23.56 -5.88
C PRO B 157 26.89 -22.40 -5.18
N PHE B 158 27.83 -22.72 -4.29
CA PHE B 158 28.44 -21.75 -3.37
C PHE B 158 29.38 -20.74 -4.06
N SER B 159 29.85 -21.07 -5.26
CA SER B 159 30.69 -20.12 -6.00
C SER B 159 29.83 -19.09 -6.72
N ASP B 160 28.63 -19.51 -7.11
CA ASP B 160 27.82 -18.73 -8.03
C ASP B 160 27.04 -17.64 -7.30
N ILE B 161 26.61 -17.96 -6.08
CA ILE B 161 26.15 -17.03 -5.03
C ILE B 161 27.14 -15.88 -4.76
N ILE B 162 28.44 -16.16 -4.71
CA ILE B 162 29.42 -15.14 -4.27
C ILE B 162 29.88 -14.15 -5.35
N GLU B 163 30.43 -14.67 -6.44
CA GLU B 163 31.03 -13.82 -7.45
C GLU B 163 30.19 -12.64 -7.95
N PRO B 164 28.88 -12.84 -8.18
CA PRO B 164 28.08 -11.75 -8.74
C PRO B 164 28.20 -10.44 -7.94
N LYS B 165 28.10 -10.54 -6.61
CA LYS B 165 28.30 -9.43 -5.68
C LYS B 165 29.58 -8.66 -5.95
N PHE B 166 30.68 -9.39 -6.08
CA PHE B 166 31.99 -8.79 -6.43
C PHE B 166 32.05 -7.91 -7.68
N GLU B 167 31.45 -8.36 -8.78
CA GLU B 167 31.38 -7.53 -9.97
C GLU B 167 30.83 -6.20 -9.54
N PHE B 168 29.59 -6.27 -9.06
CA PHE B 168 28.84 -5.14 -8.60
C PHE B 168 29.60 -4.25 -7.63
N ALA B 169 30.18 -4.88 -6.62
CA ALA B 169 30.86 -4.16 -5.56
C ALA B 169 31.96 -3.29 -6.15
N VAL B 170 32.51 -3.75 -7.28
CA VAL B 170 33.71 -3.14 -7.86
C VAL B 170 33.28 -1.96 -8.72
N LYS B 171 32.30 -2.22 -9.58
CA LYS B 171 31.81 -1.21 -10.50
C LYS B 171 31.20 -0.07 -9.68
N PHE B 172 30.28 -0.41 -8.77
CA PHE B 172 29.67 0.60 -7.85
C PHE B 172 30.76 1.36 -7.10
N ASN B 173 31.80 0.68 -6.60
CA ASN B 173 32.93 1.38 -5.95
C ASN B 173 33.66 2.44 -6.84
N ALA B 174 33.49 2.35 -8.15
CA ALA B 174 34.18 3.23 -9.03
C ALA B 174 33.43 4.54 -9.12
N LEU B 175 32.23 4.58 -8.52
CA LEU B 175 31.51 5.83 -8.27
C LEU B 175 32.12 6.59 -7.04
N GLU B 176 32.98 5.95 -6.27
CA GLU B 176 33.81 6.69 -5.28
C GLU B 176 32.98 7.49 -4.25
N LEU B 177 31.85 6.90 -3.86
CA LEU B 177 31.04 7.38 -2.78
C LEU B 177 31.78 7.38 -1.43
N ASP B 178 31.27 8.17 -0.47
CA ASP B 178 31.75 8.11 0.91
C ASP B 178 30.56 7.68 1.79
N ASP B 179 30.75 7.67 3.11
CA ASP B 179 29.74 7.22 4.00
C ASP B 179 28.49 8.10 3.99
N SER B 180 28.70 9.40 3.92
CA SER B 180 27.57 10.32 4.02
C SER B 180 26.61 10.14 2.86
N ASP B 181 27.12 9.80 1.69
CA ASP B 181 26.29 9.50 0.52
C ASP B 181 25.61 8.17 0.70
N LEU B 182 26.37 7.21 1.23
CA LEU B 182 25.90 5.89 1.49
C LEU B 182 24.71 5.97 2.46
N ALA B 183 24.89 6.68 3.56
CA ALA B 183 23.86 6.69 4.59
C ALA B 183 22.50 7.08 4.00
N LEU B 184 22.52 7.93 2.96
CA LEU B 184 21.29 8.31 2.27
C LEU B 184 20.82 7.25 1.25
N PHE B 185 21.78 6.73 0.45
CA PHE B 185 21.52 5.68 -0.50
C PHE B 185 20.84 4.48 0.17
N ILE B 186 21.48 4.01 1.23
CA ILE B 186 20.88 3.04 2.13
C ILE B 186 19.40 3.32 2.40
N ALA B 187 19.08 4.51 2.87
CA ALA B 187 17.72 4.75 3.31
C ALA B 187 16.71 4.70 2.16
N ALA B 188 17.04 5.37 1.05
CA ALA B 188 16.24 5.30 -0.17
C ALA B 188 15.99 3.84 -0.57
N ILE B 189 16.97 2.97 -0.33
CA ILE B 189 16.84 1.54 -0.60
C ILE B 189 15.85 0.89 0.37
N ILE B 190 15.97 1.14 1.66
CA ILE B 190 14.97 0.59 2.58
C ILE B 190 13.59 1.13 2.24
N LEU B 191 13.52 2.41 1.87
CA LEU B 191 12.26 3.19 1.80
C LEU B 191 11.59 3.13 0.45
N CYS B 192 11.71 1.98 -0.20
CA CYS B 192 11.19 1.73 -1.51
C CYS B 192 9.74 1.31 -1.41
N GLY B 193 8.84 2.20 -1.79
CA GLY B 193 7.43 1.85 -1.81
C GLY B 193 7.05 1.02 -3.02
N ASP B 194 7.79 -0.06 -3.30
CA ASP B 194 7.51 -0.94 -4.46
C ASP B 194 7.52 -2.43 -4.07
N ARG B 195 7.44 -2.71 -2.77
CA ARG B 195 7.50 -4.07 -2.25
C ARG B 195 6.12 -4.74 -2.19
N PRO B 196 6.07 -6.08 -2.18
CA PRO B 196 4.73 -6.64 -2.14
C PRO B 196 4.08 -6.59 -0.77
N GLY B 197 2.75 -6.42 -0.75
CA GLY B 197 2.00 -6.34 0.51
C GLY B 197 2.11 -5.03 1.30
N LEU B 198 2.54 -3.98 0.64
CA LEU B 198 2.60 -2.67 1.27
C LEU B 198 1.20 -2.04 1.30
N MET B 199 0.67 -1.83 2.51
CA MET B 199 -0.60 -1.15 2.66
C MET B 199 -0.52 0.31 2.22
N ASN B 200 0.45 1.06 2.73
CA ASN B 200 0.55 2.50 2.44
C ASN B 200 1.66 2.93 1.46
N VAL B 201 1.56 2.48 0.20
CA VAL B 201 2.52 2.79 -0.86
C VAL B 201 2.92 4.28 -0.94
N PRO B 202 1.93 5.18 -1.15
CA PRO B 202 2.27 6.57 -1.41
C PRO B 202 2.86 7.33 -0.21
N ARG B 203 2.61 6.89 1.03
CA ARG B 203 3.38 7.40 2.18
C ARG B 203 4.91 6.99 2.11
N VAL B 204 5.20 5.72 1.82
CA VAL B 204 6.58 5.30 1.66
C VAL B 204 7.25 6.00 0.48
N GLU B 205 6.50 6.17 -0.61
CA GLU B 205 7.01 6.85 -1.83
C GLU B 205 7.43 8.28 -1.56
N ALA B 206 6.69 8.92 -0.64
CA ALA B 206 6.95 10.31 -0.21
C ALA B 206 8.15 10.46 0.74
N ILE B 207 8.28 9.55 1.68
CA ILE B 207 9.49 9.55 2.49
C ILE B 207 10.65 9.27 1.56
N GLN B 208 10.48 8.33 0.64
CA GLN B 208 11.53 8.07 -0.33
C GLN B 208 11.89 9.35 -1.07
N ASP B 209 10.87 10.16 -1.34
CA ASP B 209 11.07 11.24 -2.26
C ASP B 209 11.98 12.31 -1.65
N THR B 210 11.62 12.66 -0.43
CA THR B 210 12.47 13.43 0.48
C THR B 210 13.90 12.86 0.62
N ILE B 211 14.07 11.53 0.68
CA ILE B 211 15.40 10.95 0.89
C ILE B 211 16.26 11.17 -0.35
N LEU B 212 15.65 10.92 -1.51
CA LEU B 212 16.28 11.11 -2.79
C LEU B 212 16.63 12.55 -3.06
N ARG B 213 15.79 13.48 -2.58
CA ARG B 213 16.02 14.89 -2.84
C ARG B 213 17.15 15.29 -1.96
N ALA B 214 17.18 14.68 -0.80
CA ALA B 214 18.24 15.00 0.12
C ALA B 214 19.54 14.39 -0.42
N LEU B 215 19.49 13.20 -0.99
CA LEU B 215 20.71 12.60 -1.49
C LEU B 215 21.15 13.35 -2.72
N GLU B 216 20.19 13.98 -3.39
CA GLU B 216 20.47 14.73 -4.61
C GLU B 216 21.22 16.01 -4.33
N PHE B 217 20.78 16.71 -3.29
CA PHE B 217 21.43 17.94 -2.92
C PHE B 217 22.72 17.59 -2.21
N HIS B 218 22.69 16.50 -1.45
CA HIS B 218 23.91 16.06 -0.82
C HIS B 218 25.01 15.86 -1.83
N LEU B 219 24.71 15.10 -2.88
CA LEU B 219 25.66 14.82 -3.98
C LEU B 219 26.29 16.07 -4.61
N GLN B 220 25.46 16.97 -5.14
CA GLN B 220 25.84 18.35 -5.54
C GLN B 220 26.83 19.03 -4.58
N ALA B 221 26.51 19.01 -3.29
CA ALA B 221 27.39 19.54 -2.27
C ALA B 221 28.67 18.69 -2.12
N ASN B 222 28.52 17.38 -1.96
CA ASN B 222 29.66 16.48 -1.74
C ASN B 222 30.60 16.22 -2.96
N HIS B 223 30.03 16.04 -4.16
CA HIS B 223 30.77 15.69 -5.38
C HIS B 223 30.51 16.71 -6.52
N PRO B 224 31.10 17.92 -6.44
CA PRO B 224 30.65 19.02 -7.32
C PRO B 224 30.86 18.75 -8.81
N ASP B 225 32.08 18.43 -9.18
CA ASP B 225 32.43 18.30 -10.55
C ASP B 225 31.90 17.05 -11.16
N ALA B 226 31.49 16.13 -10.31
CA ALA B 226 31.02 14.86 -10.76
C ALA B 226 29.80 15.02 -11.58
N GLN B 227 29.90 14.66 -12.85
CA GLN B 227 28.76 14.73 -13.73
C GLN B 227 27.96 13.48 -13.63
N TYR B 228 26.65 13.65 -13.64
CA TYR B 228 25.73 12.50 -13.80
C TYR B 228 25.71 11.45 -12.65
N LEU B 229 26.29 11.79 -11.50
CA LEU B 229 26.38 10.86 -10.35
C LEU B 229 25.02 10.36 -9.82
N PHE B 230 24.06 11.27 -9.65
CA PHE B 230 22.75 10.91 -9.13
C PHE B 230 21.97 9.96 -10.02
N PRO B 231 21.89 10.25 -11.33
CA PRO B 231 21.14 9.28 -12.12
C PRO B 231 21.83 7.92 -12.19
N LYS B 232 23.16 7.89 -12.15
CA LYS B 232 23.88 6.63 -12.15
C LYS B 232 23.51 5.84 -10.91
N LEU B 233 23.23 6.59 -9.82
CA LEU B 233 22.84 5.97 -8.54
C LEU B 233 21.49 5.29 -8.65
N LEU B 234 20.56 5.93 -9.33
CA LEU B 234 19.21 5.33 -9.54
C LEU B 234 19.13 4.03 -10.35
N GLN B 235 19.95 3.91 -11.39
CA GLN B 235 20.22 2.62 -12.07
C GLN B 235 20.86 1.57 -11.16
N LYS B 236 21.75 2.04 -10.27
CA LYS B 236 22.44 1.18 -9.28
C LYS B 236 21.44 0.58 -8.29
N MET B 237 20.46 1.39 -7.89
CA MET B 237 19.29 0.99 -7.12
C MET B 237 18.47 0.01 -7.93
N ALA B 238 18.30 0.30 -9.22
CA ALA B 238 17.66 -0.67 -10.14
C ALA B 238 18.50 -1.93 -10.17
N ASP B 239 19.77 -1.81 -10.53
CA ASP B 239 20.65 -2.99 -10.65
C ASP B 239 20.52 -4.00 -9.49
N LEU B 240 20.40 -3.49 -8.26
CA LEU B 240 20.39 -4.28 -7.03
C LEU B 240 19.12 -5.15 -6.87
N ARG B 241 17.97 -4.61 -7.29
CA ARG B 241 16.73 -5.38 -7.36
C ARG B 241 16.85 -6.61 -8.22
N GLN B 242 17.60 -6.50 -9.33
CA GLN B 242 17.78 -7.61 -10.26
C GLN B 242 18.75 -8.60 -9.63
N LEU B 243 19.79 -8.06 -8.98
CA LEU B 243 20.85 -8.85 -8.40
C LEU B 243 20.22 -9.75 -7.33
N VAL B 244 19.49 -9.14 -6.41
CA VAL B 244 18.76 -9.84 -5.34
C VAL B 244 17.67 -10.77 -5.90
N THR B 245 17.17 -10.45 -7.10
CA THR B 245 16.22 -11.39 -7.77
C THR B 245 17.02 -12.65 -8.11
N GLU B 246 18.13 -12.51 -8.84
CA GLU B 246 18.97 -13.67 -9.07
C GLU B 246 19.55 -14.37 -7.81
N HIS B 247 19.89 -13.60 -6.77
CA HIS B 247 20.28 -14.14 -5.46
C HIS B 247 19.18 -14.95 -4.73
N ALA B 248 17.91 -14.51 -4.84
CA ALA B 248 16.80 -15.30 -4.29
C ALA B 248 16.57 -16.55 -5.15
N GLN B 249 16.61 -16.41 -6.48
CA GLN B 249 16.60 -17.58 -7.38
C GLN B 249 17.64 -18.59 -6.86
N MET B 250 18.91 -18.18 -6.82
CA MET B 250 20.02 -19.01 -6.37
C MET B 250 19.86 -19.65 -4.99
N MET B 251 19.31 -18.89 -4.03
CA MET B 251 19.09 -19.43 -2.68
C MET B 251 18.14 -20.62 -2.74
N GLN B 252 17.15 -20.54 -3.65
CA GLN B 252 16.17 -21.61 -3.86
C GLN B 252 16.81 -22.93 -4.25
N ARG B 253 17.76 -22.84 -5.19
CA ARG B 253 18.66 -23.92 -5.53
C ARG B 253 19.26 -24.56 -4.28
N ILE B 254 19.45 -23.81 -3.20
CA ILE B 254 20.18 -24.31 -2.03
C ILE B 254 19.23 -24.92 -0.96
N LYS B 255 18.00 -24.41 -0.91
CA LYS B 255 16.99 -24.96 -0.03
C LYS B 255 16.64 -26.35 -0.59
N LYS B 256 16.81 -26.50 -1.89
CA LYS B 256 16.48 -27.75 -2.54
C LYS B 256 17.67 -28.73 -2.55
N THR B 257 18.79 -28.31 -3.16
CA THR B 257 19.94 -29.20 -3.34
C THR B 257 20.88 -29.35 -2.11
N GLU B 258 20.93 -28.36 -1.22
CA GLU B 258 21.84 -28.43 -0.06
C GLU B 258 21.06 -28.75 1.22
N THR B 259 20.44 -29.91 1.17
CA THR B 259 19.42 -30.36 2.12
C THR B 259 19.93 -30.68 3.52
N GLU B 260 21.23 -30.91 3.66
CA GLU B 260 21.83 -30.99 4.98
C GLU B 260 22.00 -29.54 5.49
N THR B 261 22.37 -28.65 4.57
CA THR B 261 22.74 -27.27 4.85
C THR B 261 21.56 -26.40 5.23
N SER B 262 21.54 -26.02 6.50
CA SER B 262 20.45 -25.26 7.10
C SER B 262 20.52 -23.79 6.73
N LEU B 263 19.52 -23.02 7.20
CA LEU B 263 19.46 -21.55 6.96
C LEU B 263 18.89 -20.88 8.21
N HIS B 264 19.61 -19.94 8.79
CA HIS B 264 19.17 -19.21 10.01
C HIS B 264 17.68 -18.90 9.90
N PRO B 265 16.91 -19.11 10.99
CA PRO B 265 15.48 -18.91 10.95
C PRO B 265 15.13 -17.54 10.37
N LEU B 266 15.85 -16.51 10.76
CA LEU B 266 15.64 -15.11 10.32
C LEU B 266 15.73 -14.99 8.81
N LEU B 267 16.55 -15.82 8.18
CA LEU B 267 16.61 -15.80 6.74
C LEU B 267 15.45 -16.59 6.10
N GLN B 268 15.06 -17.71 6.72
CA GLN B 268 13.86 -18.42 6.27
C GLN B 268 12.68 -17.45 6.27
N GLU B 269 12.54 -16.66 7.35
CA GLU B 269 11.60 -15.54 7.42
C GLU B 269 11.63 -14.62 6.19
N ILE B 270 12.80 -14.08 5.84
CA ILE B 270 12.91 -13.07 4.74
C ILE B 270 12.63 -13.70 3.37
N TYR B 271 12.93 -14.99 3.18
CA TYR B 271 12.86 -15.60 1.88
C TYR B 271 11.57 -16.32 1.68
N LYS B 272 10.87 -16.69 2.78
CA LYS B 272 9.65 -17.55 2.70
C LYS B 272 8.84 -17.26 1.43
N ASP B 273 8.64 -15.97 1.12
CA ASP B 273 7.87 -15.56 -0.09
C ASP B 273 8.61 -14.41 -0.78
C4 1KF C . -30.58 6.64 -11.62
C5 1KF C . -31.34 7.62 -12.49
C6 1KF C . -31.03 6.67 -10.15
C7 1KF C . -32.44 6.09 -9.96
C8 1KF C . -32.68 5.74 -8.50
C10 1KF C . -33.07 6.94 -6.36
C13 1KF C . -33.93 7.13 -3.69
C15 1KF C . -32.66 7.96 -5.52
C20 1KF C . -33.44 11.53 -6.47
C21 1KF C . -34.43 12.36 -6.97
C22 1KF C . -34.49 13.69 -6.60
C28 1KF C . -32.53 13.33 -5.22
O33 1KF C . -28.90 4.68 -11.04
C2 1KF C . -28.26 5.70 -11.42
O1 1KF C . -27.01 5.76 -11.50
C3 1KF C . -29.07 6.91 -11.76
O9 1KF C . -32.64 6.89 -7.66
C14 1KF C . -33.08 8.08 -4.21
C12 1KF C . -34.36 6.08 -4.49
C11 1KF C . -33.93 5.97 -5.82
C16 1KF C . -31.74 8.94 -6.12
N17 1KF C . -31.15 9.92 -5.22
C31 1KF C . -30.06 9.65 -4.51
C32 1KF C . -29.21 8.41 -4.29
C30 1KF C . -29.67 10.79 -3.83
N29 1KF C . -30.54 11.75 -4.20
C18 1KF C . -31.44 11.24 -5.05
C19 1KF C . -32.46 12.01 -5.59
C27 1KF C . -33.53 14.16 -5.72
C23 1KF C . -35.59 14.55 -7.10
F26 1KF C . -35.58 15.73 -6.50
F25 1KF C . -36.73 14.03 -6.72
F24 1KF C . -35.51 14.63 -8.41
H34 1KF C . -30.79 5.64 -12.01
H38 1KF C . -31.07 8.61 -12.23
H37 1KF C . -32.39 7.49 -12.35
H39 1KF C . -31.10 7.46 -13.51
H41 1KF C . -31.00 7.69 -9.77
H40 1KF C . -30.33 6.10 -9.53
H42 1KF C . -33.18 6.83 -10.27
H43 1KF C . -32.55 5.21 -10.58
H45 1KF C . -31.93 5.01 -8.17
H44 1KF C . -33.65 5.25 -8.43
H48 1KF C . -34.26 7.19 -2.66
H52 1KF C . -33.41 10.51 -6.80
H53 1KF C . -35.17 11.97 -7.67
H55 1KF C . -31.82 13.73 -4.52
H36 1KF C . -28.86 7.21 -12.80
H35 1KF C . -28.80 7.75 -11.12
H49 1KF C . -32.72 8.89 -3.59
H47 1KF C . -35.03 5.34 -4.09
H46 1KF C . -34.29 5.16 -6.43
H51 1KF C . -32.21 9.43 -6.96
H50 1KF C . -30.92 8.37 -6.54
H57 1KF C . -28.58 8.55 -3.45
H59 1KF C . -28.62 8.23 -5.15
H58 1KF C . -29.84 7.58 -4.12
H56 1KF C . -28.83 10.89 -3.17
H54 1KF C . -33.58 15.18 -5.39
C4 1KF D . 23.87 -15.91 2.37
C5 1KF D . 24.56 -17.11 2.99
C6 1KF D . 24.88 -14.87 1.90
C7 1KF D . 25.69 -15.39 0.72
C8 1KF D . 26.18 -14.26 -0.16
C10 1KF D . 28.23 -12.83 0.05
C13 1KF D . 30.39 -11.35 -0.87
C15 1KF D . 29.07 -12.13 0.93
C20 1KF D . 31.17 -13.82 3.76
C21 1KF D . 32.03 -14.86 4.04
C22 1KF D . 33.01 -14.77 5.02
C28 1KF D . 32.25 -12.52 5.43
O33 1KF D . 21.86 -14.39 1.51
C2 1KF D . 21.95 -14.38 2.77
O1 1KF D . 21.30 -13.58 3.50
C3 1KF D . 22.90 -15.36 3.42
O9 1KF D . 27.18 -13.56 0.58
C14 1KF D . 30.15 -11.40 0.49
C12 1KF D . 29.56 -12.01 -1.77
C11 1KF D . 28.49 -12.75 -1.32
C16 1KF D . 28.76 -12.26 2.39
N17 1KF D . 29.39 -11.34 3.33
C31 1KF D . 28.92 -10.09 3.51
C32 1KF D . 27.79 -9.33 2.84
C30 1KF D . 29.63 -9.43 4.48
N29 1KF D . 30.56 -10.33 4.90
C18 1KF D . 30.42 -11.50 4.22
C19 1KF D . 31.26 -12.61 4.45
C27 1KF D . 33.12 -13.57 5.72
C23 1KF D . 33.95 -15.94 5.28
F26 1KF D . 33.24 -17.04 5.47
F25 1KF D . 34.60 -15.78 6.42
F24 1KF D . 34.82 -16.08 4.25
H34 1KF D . 23.29 -16.28 1.51
H38 1KF D . 24.99 -16.81 3.91
H37 1KF D . 25.33 -17.46 2.35
H39 1KF D . 23.86 -17.88 3.16
H41 1KF D . 25.54 -14.60 2.72
H40 1KF D . 24.36 -13.96 1.60
H42 1KF D . 26.54 -15.96 1.08
H43 1KF D . 25.06 -16.06 0.12
H45 1KF D . 25.36 -13.58 -0.43
H44 1KF D . 26.60 -14.67 -1.08
H48 1KF D . 31.23 -10.75 -1.25
H52 1KF D . 30.42 -13.96 3.02
H53 1KF D . 31.92 -15.79 3.50
H55 1KF D . 32.38 -11.58 5.97
H36 1KF D . 22.32 -16.18 3.86
H35 1KF D . 23.45 -14.88 4.22
H49 1KF D . 30.80 -10.87 1.18
H47 1KF D . 29.77 -11.96 -2.83
H46 1KF D . 27.86 -13.27 -2.03
H51 1KF D . 28.90 -13.28 2.69
H50 1KF D . 27.68 -12.09 2.49
H57 1KF D . 27.90 -8.30 3.05
H59 1KF D . 26.87 -9.68 3.23
H58 1KF D . 27.83 -9.50 1.80
H56 1KF D . 29.47 -8.42 4.84
H54 1KF D . 33.89 -13.44 6.47
#